data_4J5Y
#
_entry.id   4J5Y
#
_cell.length_a   61.450
_cell.length_b   73.680
_cell.length_c   107.560
_cell.angle_alpha   90.00
_cell.angle_beta   90.00
_cell.angle_gamma   90.00
#
_symmetry.space_group_name_H-M   'P 21 21 21'
#
loop_
_entity.id
_entity.type
_entity.pdbx_description
1 polymer 'Protein hfq'
2 non-polymer "ADENOSINE-5'-TRIPHOSPHATE"
3 non-polymer 'SODIUM ION'
4 non-polymer DI(HYDROXYETHYL)ETHER
5 water water
#
_entity_poly.entity_id   1
_entity_poly.type   'polypeptide(L)'
_entity_poly.pdbx_seq_one_letter_code
;MSKGHSLQDPYLNTLRKERVPVSIYLVNGIKLQGQIESFDQFVILLKNTVSQMVYKHAISTVVPSRPVRLPSGDQPAEPG
NA
;
_entity_poly.pdbx_strand_id   A,B,C,D,E,F
#
loop_
_chem_comp.id
_chem_comp.type
_chem_comp.name
_chem_comp.formula
ATP non-polymer ADENOSINE-5'-TRIPHOSPHATE 'C10 H16 N5 O13 P3'
NA non-polymer 'SODIUM ION' 'Na 1'
PEG non-polymer DI(HYDROXYETHYL)ETHER 'C4 H10 O3'
#
# COMPACT_ATOMS: atom_id res chain seq x y z
N GLY A 4 -8.79 13.66 -9.89
CA GLY A 4 -7.61 13.22 -10.61
C GLY A 4 -6.36 13.80 -9.99
N HIS A 5 -5.37 14.15 -10.82
CA HIS A 5 -4.23 14.94 -10.35
C HIS A 5 -4.55 16.42 -10.57
N SER A 6 -5.84 16.72 -10.73
CA SER A 6 -6.35 18.06 -10.99
C SER A 6 -6.07 19.07 -9.87
N LEU A 7 -4.94 18.94 -9.21
CA LEU A 7 -4.66 19.69 -8.00
C LEU A 7 -3.25 19.39 -7.52
N GLN A 8 -2.94 18.10 -7.44
CA GLN A 8 -1.60 17.67 -7.09
C GLN A 8 -0.58 18.35 -8.02
N ASP A 9 -0.89 18.34 -9.31
CA ASP A 9 0.06 18.78 -10.34
C ASP A 9 0.40 20.27 -10.36
N PRO A 10 -0.63 21.16 -10.39
CA PRO A 10 -0.27 22.58 -10.33
C PRO A 10 0.43 22.94 -9.03
N TYR A 11 0.04 22.26 -7.96
CA TYR A 11 0.64 22.50 -6.67
C TYR A 11 2.12 22.13 -6.73
N LEU A 12 2.41 20.89 -7.15
CA LEU A 12 3.79 20.48 -7.34
C LEU A 12 4.51 21.40 -8.33
N ASN A 13 3.83 21.72 -9.42
CA ASN A 13 4.44 22.59 -10.42
C ASN A 13 4.73 23.98 -9.89
N THR A 14 3.87 24.51 -9.02
CA THR A 14 4.15 25.81 -8.44
C THR A 14 5.39 25.75 -7.56
N LEU A 15 5.49 24.71 -6.72
CA LEU A 15 6.68 24.53 -5.91
C LEU A 15 7.93 24.37 -6.75
N ARG A 16 7.81 23.64 -7.86
CA ARG A 16 8.93 23.44 -8.80
C ARG A 16 9.36 24.76 -9.42
N LYS A 17 8.48 25.36 -10.21
CA LYS A 17 8.72 26.67 -10.85
C LYS A 17 9.36 27.69 -9.93
N GLU A 18 8.82 27.84 -8.72
CA GLU A 18 9.27 28.89 -7.83
C GLU A 18 10.38 28.45 -6.88
N ARG A 19 10.85 27.20 -7.04
CA ARG A 19 11.98 26.69 -6.27
C ARG A 19 11.81 26.75 -4.75
N VAL A 20 10.61 26.45 -4.26
CA VAL A 20 10.33 26.56 -2.83
C VAL A 20 10.96 25.41 -2.05
N PRO A 21 11.59 25.71 -0.89
CA PRO A 21 12.08 24.63 -0.03
C PRO A 21 10.91 23.87 0.57
N VAL A 22 10.97 22.54 0.56
CA VAL A 22 9.91 21.74 1.15
C VAL A 22 10.45 20.67 2.08
N SER A 23 9.60 20.20 2.97
CA SER A 23 9.87 18.95 3.65
C SER A 23 8.92 17.93 3.06
N ILE A 24 9.46 16.80 2.63
CA ILE A 24 8.61 15.68 2.28
C ILE A 24 8.68 14.65 3.42
N TYR A 25 7.53 14.35 4.02
CA TYR A 25 7.48 13.34 5.06
C TYR A 25 7.08 11.99 4.43
N LEU A 26 7.85 10.96 4.73
CA LEU A 26 7.58 9.63 4.18
C LEU A 26 6.60 8.87 5.09
N VAL A 27 5.99 7.80 4.57
CA VAL A 27 5.01 7.07 5.36
C VAL A 27 5.63 6.48 6.62
N ASN A 28 6.92 6.16 6.56
CA ASN A 28 7.59 5.57 7.71
C ASN A 28 8.18 6.58 8.68
N GLY A 29 7.88 7.86 8.47
CA GLY A 29 8.34 8.91 9.38
C GLY A 29 9.64 9.61 9.00
N ILE A 30 10.27 9.17 7.92
CA ILE A 30 11.51 9.81 7.46
C ILE A 30 11.22 11.16 6.79
N LYS A 31 11.95 12.20 7.20
CA LYS A 31 11.73 13.53 6.68
C LYS A 31 12.82 13.93 5.71
N LEU A 32 12.41 14.18 4.46
CA LEU A 32 13.33 14.66 3.44
C LEU A 32 13.11 16.15 3.16
N GLN A 33 14.21 16.85 2.91
CA GLN A 33 14.17 18.28 2.66
C GLN A 33 14.89 18.59 1.35
N GLY A 34 14.41 19.60 0.65
CA GLY A 34 15.01 19.99 -0.60
C GLY A 34 14.07 20.83 -1.45
N GLN A 35 14.40 20.96 -2.72
CA GLN A 35 13.52 21.61 -3.64
C GLN A 35 13.10 20.57 -4.64
N ILE A 36 11.88 20.70 -5.15
CA ILE A 36 11.39 19.80 -6.17
C ILE A 36 11.93 20.18 -7.54
N GLU A 37 12.75 19.30 -8.11
CA GLU A 37 13.37 19.54 -9.41
C GLU A 37 12.43 19.18 -10.56
N SER A 38 11.73 18.06 -10.44
CA SER A 38 10.74 17.67 -11.43
C SER A 38 9.90 16.54 -10.87
N PHE A 39 8.90 16.11 -11.61
CA PHE A 39 7.96 15.12 -11.11
C PHE A 39 7.19 14.58 -12.28
N ASP A 40 6.70 13.34 -12.13
CA ASP A 40 5.68 12.83 -13.02
C ASP A 40 4.58 12.15 -12.20
N GLN A 41 3.73 11.37 -12.85
CA GLN A 41 2.61 10.74 -12.16
C GLN A 41 2.96 9.91 -10.92
N PHE A 42 4.18 9.39 -10.84
CA PHE A 42 4.50 8.48 -9.74
C PHE A 42 5.68 8.89 -8.86
N VAL A 43 6.62 9.65 -9.41
CA VAL A 43 7.79 10.03 -8.64
C VAL A 43 7.99 11.55 -8.57
N ILE A 44 8.73 11.99 -7.56
CA ILE A 44 9.20 13.36 -7.45
C ILE A 44 10.71 13.29 -7.33
N LEU A 45 11.42 14.16 -8.05
CA LEU A 45 12.86 14.27 -7.91
C LEU A 45 13.23 15.44 -6.99
N LEU A 46 13.77 15.10 -5.83
CA LEU A 46 14.08 16.07 -4.79
C LEU A 46 15.56 16.36 -4.79
N LYS A 47 15.93 17.64 -4.69
CA LYS A 47 17.33 18.07 -4.68
C LYS A 47 17.66 18.91 -3.46
N ASN A 48 18.82 18.68 -2.86
CA ASN A 48 19.25 19.40 -1.65
C ASN A 48 20.75 19.19 -1.40
N THR A 49 21.07 18.28 -0.49
CA THR A 49 22.46 17.92 -0.20
C THR A 49 22.83 16.67 -1.00
N VAL A 50 21.80 15.90 -1.37
CA VAL A 50 21.97 14.81 -2.33
C VAL A 50 20.69 14.71 -3.15
N SER A 51 20.84 14.45 -4.46
CA SER A 51 19.68 14.36 -5.34
C SER A 51 19.11 12.94 -5.26
N GLN A 52 17.78 12.81 -5.22
CA GLN A 52 17.16 11.50 -5.07
C GLN A 52 15.76 11.43 -5.67
N MET A 53 15.42 10.30 -6.28
CA MET A 53 14.08 10.09 -6.80
C MET A 53 13.17 9.44 -5.74
N VAL A 54 12.05 10.10 -5.44
CA VAL A 54 11.14 9.64 -4.39
C VAL A 54 9.83 9.09 -4.97
N TYR A 55 9.42 7.90 -4.52
CA TYR A 55 8.14 7.34 -4.95
C TYR A 55 6.97 7.96 -4.19
N LYS A 56 6.02 8.53 -4.94
CA LYS A 56 4.82 9.13 -4.35
C LYS A 56 4.13 8.17 -3.37
N HIS A 57 4.10 6.87 -3.69
CA HIS A 57 3.37 5.96 -2.84
C HIS A 57 4.01 5.84 -1.47
N ALA A 58 5.25 6.27 -1.35
CA ALA A 58 5.90 6.29 -0.04
C ALA A 58 5.79 7.64 0.69
N ILE A 59 5.11 8.60 0.09
CA ILE A 59 4.97 9.95 0.68
C ILE A 59 3.70 10.14 1.50
N SER A 60 3.84 10.67 2.72
CA SER A 60 2.69 11.10 3.51
C SER A 60 2.31 12.52 3.15
N THR A 61 3.20 13.46 3.46
CA THR A 61 2.94 14.87 3.21
C THR A 61 4.06 15.60 2.46
N VAL A 62 3.67 16.69 1.82
CA VAL A 62 4.60 17.64 1.26
C VAL A 62 4.27 18.99 1.93
N VAL A 63 5.24 19.56 2.63
CA VAL A 63 5.00 20.77 3.40
C VAL A 63 5.96 21.88 2.96
N PRO A 64 5.46 22.84 2.16
CA PRO A 64 6.29 23.97 1.76
C PRO A 64 6.77 24.77 2.95
N SER A 65 7.90 25.44 2.80
CA SER A 65 8.51 26.26 3.84
C SER A 65 7.83 27.63 3.92
N ARG A 66 7.03 27.96 2.93
CA ARG A 66 6.32 29.21 2.93
C ARG A 66 4.97 28.97 2.28
N PRO A 67 4.00 29.89 2.51
CA PRO A 67 2.71 29.77 1.82
C PRO A 67 2.88 29.96 0.32
N VAL A 68 1.95 29.39 -0.43
CA VAL A 68 2.11 29.26 -1.86
C VAL A 68 0.77 29.50 -2.53
N ARG A 69 0.78 30.11 -3.70
CA ARG A 69 -0.42 30.23 -4.52
C ARG A 69 -0.96 28.82 -4.78
N LEU A 70 -2.27 28.67 -4.74
CA LEU A 70 -2.87 27.35 -4.86
C LEU A 70 -3.74 27.28 -6.13
N PRO A 71 -4.02 26.05 -6.60
CA PRO A 71 -4.96 25.87 -7.72
C PRO A 71 -6.41 26.03 -7.28
N GLY B 4 2.49 10.45 -16.52
CA GLY B 4 2.88 9.06 -16.68
C GLY B 4 4.26 8.81 -16.10
N HIS B 5 5.00 7.91 -16.75
CA HIS B 5 6.35 7.58 -16.32
C HIS B 5 7.38 8.42 -17.08
N SER B 6 7.02 9.64 -17.45
CA SER B 6 7.90 10.48 -18.26
C SER B 6 9.20 10.83 -17.54
N LEU B 7 9.21 10.74 -16.20
CA LEU B 7 10.40 11.06 -15.42
C LEU B 7 11.12 9.81 -14.88
N GLN B 8 10.37 8.96 -14.17
CA GLN B 8 10.92 7.71 -13.62
C GLN B 8 11.77 6.89 -14.60
N ASP B 9 11.26 6.71 -15.80
CA ASP B 9 11.90 5.80 -16.76
C ASP B 9 13.20 6.30 -17.39
N PRO B 10 13.26 7.57 -17.83
CA PRO B 10 14.56 8.02 -18.34
C PRO B 10 15.61 8.08 -17.23
N TYR B 11 15.13 8.20 -16.00
CA TYR B 11 15.98 8.31 -14.84
C TYR B 11 16.60 6.95 -14.51
N LEU B 12 15.76 5.91 -14.48
CA LEU B 12 16.25 4.56 -14.21
C LEU B 12 17.13 4.04 -15.36
N ASN B 13 16.73 4.33 -16.59
CA ASN B 13 17.50 3.97 -17.77
C ASN B 13 18.89 4.60 -17.80
N THR B 14 19.00 5.86 -17.38
CA THR B 14 20.29 6.51 -17.37
C THR B 14 21.16 5.87 -16.30
N LEU B 15 20.55 5.51 -15.17
CA LEU B 15 21.26 4.86 -14.07
C LEU B 15 21.76 3.50 -14.54
N ARG B 16 20.88 2.81 -15.26
CA ARG B 16 21.17 1.51 -15.80
C ARG B 16 22.33 1.63 -16.80
N LYS B 17 22.14 2.46 -17.82
CA LYS B 17 23.11 2.59 -18.90
C LYS B 17 24.49 3.01 -18.42
N GLU B 18 24.56 3.89 -17.43
CA GLU B 18 25.85 4.40 -17.02
C GLU B 18 26.39 3.69 -15.79
N ARG B 19 25.79 2.55 -15.45
CA ARG B 19 26.20 1.71 -14.33
C ARG B 19 26.46 2.51 -13.04
N VAL B 20 25.55 3.44 -12.77
CA VAL B 20 25.69 4.33 -11.64
C VAL B 20 25.31 3.59 -10.36
N PRO B 21 26.25 3.49 -9.41
CA PRO B 21 25.92 2.85 -8.14
C PRO B 21 24.80 3.64 -7.48
N VAL B 22 23.85 2.93 -6.87
CA VAL B 22 22.70 3.54 -6.25
C VAL B 22 22.46 2.94 -4.87
N SER B 23 21.81 3.72 -4.02
CA SER B 23 21.28 3.21 -2.77
C SER B 23 19.78 3.20 -2.94
N ILE B 24 19.14 2.10 -2.59
CA ILE B 24 17.68 2.07 -2.62
C ILE B 24 17.16 1.89 -1.20
N TYR B 25 16.38 2.87 -0.75
CA TYR B 25 15.84 2.83 0.61
C TYR B 25 14.43 2.24 0.55
N LEU B 26 14.20 1.16 1.30
CA LEU B 26 12.89 0.52 1.33
C LEU B 26 11.98 1.22 2.33
N VAL B 27 10.67 1.12 2.10
CA VAL B 27 9.68 1.74 2.99
C VAL B 27 9.94 1.38 4.45
N ASN B 28 10.49 0.19 4.69
CA ASN B 28 10.75 -0.25 6.06
C ASN B 28 12.11 0.15 6.61
N GLY B 29 12.83 1.01 5.90
CA GLY B 29 14.09 1.55 6.37
C GLY B 29 15.35 0.80 5.99
N ILE B 30 15.19 -0.32 5.32
CA ILE B 30 16.34 -1.11 4.91
C ILE B 30 16.97 -0.45 3.70
N LYS B 31 18.29 -0.36 3.68
CA LYS B 31 18.99 0.13 2.50
C LYS B 31 19.60 -0.99 1.66
N LEU B 32 19.27 -0.99 0.38
CA LEU B 32 19.89 -1.89 -0.57
C LEU B 32 20.90 -1.09 -1.38
N GLN B 33 21.92 -1.78 -1.86
CA GLN B 33 22.99 -1.08 -2.53
C GLN B 33 23.37 -1.88 -3.76
N GLY B 34 23.66 -1.19 -4.86
CA GLY B 34 24.15 -1.86 -6.05
C GLY B 34 23.98 -1.09 -7.33
N GLN B 35 23.79 -1.80 -8.42
CA GLN B 35 23.59 -1.17 -9.72
C GLN B 35 22.36 -1.75 -10.38
N ILE B 36 21.66 -0.92 -11.15
CA ILE B 36 20.45 -1.34 -11.79
C ILE B 36 20.74 -2.05 -13.09
N GLU B 37 20.47 -3.35 -13.12
CA GLU B 37 20.72 -4.15 -14.30
C GLU B 37 19.58 -4.04 -15.29
N SER B 38 18.36 -3.96 -14.77
CA SER B 38 17.17 -3.69 -15.58
C SER B 38 15.96 -3.39 -14.70
N PHE B 39 14.86 -3.05 -15.35
CA PHE B 39 13.60 -2.79 -14.66
C PHE B 39 12.48 -2.94 -15.65
N ASP B 40 11.25 -2.98 -15.13
CA ASP B 40 10.05 -2.81 -15.94
C ASP B 40 9.10 -1.94 -15.11
N GLN B 41 7.81 -1.96 -15.41
CA GLN B 41 6.86 -1.11 -14.70
C GLN B 41 6.78 -1.37 -13.19
N PHE B 42 7.10 -2.59 -12.76
CA PHE B 42 6.81 -2.96 -11.38
C PHE B 42 8.00 -3.35 -10.51
N VAL B 43 9.08 -3.80 -11.14
CA VAL B 43 10.26 -4.23 -10.39
C VAL B 43 11.57 -3.63 -10.91
N ILE B 44 12.58 -3.66 -10.05
CA ILE B 44 13.93 -3.28 -10.42
C ILE B 44 14.87 -4.45 -10.12
N LEU B 45 15.68 -4.82 -11.10
CA LEU B 45 16.72 -5.82 -10.87
C LEU B 45 18.03 -5.13 -10.43
N LEU B 46 18.44 -5.47 -9.22
CA LEU B 46 19.57 -4.80 -8.60
C LEU B 46 20.72 -5.79 -8.51
N LYS B 47 21.85 -5.44 -9.10
CA LYS B 47 23.01 -6.32 -9.03
C LYS B 47 24.10 -5.68 -8.21
N ASN B 48 24.86 -6.52 -7.51
CA ASN B 48 26.07 -6.10 -6.79
C ASN B 48 26.73 -7.32 -6.16
N THR B 49 27.21 -7.12 -4.94
CA THR B 49 27.63 -8.22 -4.09
C THR B 49 26.51 -9.25 -4.00
N VAL B 50 25.28 -8.74 -3.96
CA VAL B 50 24.08 -9.59 -4.00
C VAL B 50 23.12 -9.13 -5.11
N SER B 51 22.72 -10.06 -5.97
CA SER B 51 21.74 -9.77 -7.01
C SER B 51 20.32 -10.09 -6.53
N GLN B 52 19.35 -9.21 -6.83
CA GLN B 52 17.99 -9.36 -6.30
C GLN B 52 16.92 -8.58 -7.05
N MET B 53 15.71 -9.13 -7.10
CA MET B 53 14.58 -8.42 -7.68
C MET B 53 13.83 -7.62 -6.59
N VAL B 54 13.63 -6.34 -6.86
CA VAL B 54 13.02 -5.42 -5.89
C VAL B 54 11.70 -4.90 -6.43
N TYR B 55 10.62 -5.12 -5.67
CA TYR B 55 9.30 -4.56 -5.98
C TYR B 55 9.27 -3.07 -5.72
N LYS B 56 8.91 -2.31 -6.75
CA LYS B 56 8.82 -0.85 -6.63
C LYS B 56 7.93 -0.42 -5.49
N HIS B 57 6.78 -1.08 -5.30
CA HIS B 57 5.87 -0.71 -4.20
C HIS B 57 6.54 -0.68 -2.83
N ALA B 58 7.66 -1.37 -2.67
CA ALA B 58 8.35 -1.42 -1.38
C ALA B 58 9.46 -0.37 -1.28
N ILE B 59 9.65 0.37 -2.37
CA ILE B 59 10.70 1.36 -2.42
C ILE B 59 10.17 2.72 -1.99
N SER B 60 10.94 3.41 -1.14
CA SER B 60 10.66 4.80 -0.85
C SER B 60 11.46 5.76 -1.73
N THR B 61 12.80 5.65 -1.70
CA THR B 61 13.66 6.48 -2.53
C THR B 61 14.81 5.71 -3.23
N VAL B 62 15.28 6.28 -4.32
CA VAL B 62 16.46 5.79 -5.03
C VAL B 62 17.47 6.91 -5.00
N VAL B 63 18.59 6.66 -4.34
CA VAL B 63 19.61 7.69 -4.16
C VAL B 63 20.87 7.31 -4.93
N PRO B 64 21.07 7.95 -6.09
CA PRO B 64 22.26 7.70 -6.90
C PRO B 64 23.48 8.22 -6.18
N SER B 65 24.62 7.60 -6.41
CA SER B 65 25.84 7.97 -5.72
C SER B 65 26.44 9.24 -6.29
N ARG B 66 25.94 9.68 -7.45
CA ARG B 66 26.32 10.94 -8.10
C ARG B 66 25.14 11.36 -8.96
N PRO B 67 24.98 12.66 -9.23
CA PRO B 67 23.76 13.07 -9.93
C PRO B 67 23.66 12.51 -11.35
N VAL B 68 22.44 12.34 -11.84
CA VAL B 68 22.27 11.87 -13.22
C VAL B 68 21.76 12.95 -14.15
N ARG B 69 22.44 13.06 -15.29
CA ARG B 69 22.03 13.95 -16.36
C ARG B 69 21.04 13.23 -17.27
N LEU B 70 19.81 13.74 -17.31
CA LEU B 70 18.77 13.15 -18.16
C LEU B 70 18.94 13.54 -19.64
N PRO B 71 18.41 12.70 -20.55
CA PRO B 71 18.29 13.09 -21.95
C PRO B 71 17.31 14.25 -22.13
N GLY C 4 6.77 -3.21 -18.41
CA GLY C 4 5.54 -3.70 -17.84
C GLY C 4 5.78 -4.91 -16.95
N HIS C 5 5.63 -6.10 -17.50
CA HIS C 5 6.00 -7.34 -16.81
C HIS C 5 7.21 -8.01 -17.45
N SER C 6 7.81 -7.33 -18.42
CA SER C 6 8.90 -7.89 -19.24
C SER C 6 10.06 -8.45 -18.43
N LEU C 7 10.19 -8.05 -17.18
CA LEU C 7 11.25 -8.57 -16.33
C LEU C 7 10.71 -9.51 -15.24
N GLN C 8 9.64 -9.11 -14.56
CA GLN C 8 9.18 -9.89 -13.43
C GLN C 8 8.80 -11.33 -13.78
N ASP C 9 8.00 -11.50 -14.83
CA ASP C 9 7.59 -12.82 -15.28
C ASP C 9 8.74 -13.77 -15.66
N PRO C 10 9.62 -13.36 -16.59
CA PRO C 10 10.69 -14.28 -16.97
C PRO C 10 11.63 -14.58 -15.82
N TYR C 11 11.72 -13.65 -14.88
CA TYR C 11 12.63 -13.80 -13.75
C TYR C 11 12.10 -14.84 -12.77
N LEU C 12 10.81 -14.75 -12.45
CA LEU C 12 10.17 -15.70 -11.56
C LEU C 12 9.97 -17.05 -12.23
N ASN C 13 9.66 -17.04 -13.51
CA ASN C 13 9.53 -18.27 -14.27
C ASN C 13 10.85 -19.06 -14.32
N THR C 14 11.95 -18.35 -14.48
CA THR C 14 13.28 -18.96 -14.49
C THR C 14 13.62 -19.58 -13.15
N LEU C 15 13.41 -18.82 -12.08
CA LEU C 15 13.62 -19.32 -10.73
C LEU C 15 12.78 -20.57 -10.51
N ARG C 16 11.59 -20.58 -11.08
CA ARG C 16 10.67 -21.70 -10.90
C ARG C 16 11.13 -22.96 -11.64
N LYS C 17 11.30 -22.82 -12.95
CA LYS C 17 11.80 -23.92 -13.79
C LYS C 17 13.09 -24.52 -13.26
N GLU C 18 14.00 -23.68 -12.80
CA GLU C 18 15.31 -24.14 -12.34
C GLU C 18 15.28 -24.60 -10.88
N ARG C 19 14.13 -24.44 -10.23
CA ARG C 19 13.94 -24.87 -8.85
C ARG C 19 14.94 -24.24 -7.89
N VAL C 20 15.33 -22.99 -8.19
CA VAL C 20 16.28 -22.28 -7.37
C VAL C 20 15.71 -21.89 -6.02
N PRO C 21 16.38 -22.33 -4.94
CA PRO C 21 15.95 -21.86 -3.62
C PRO C 21 16.08 -20.35 -3.53
N VAL C 22 15.02 -19.67 -3.08
CA VAL C 22 15.04 -18.21 -2.94
C VAL C 22 14.74 -17.78 -1.52
N SER C 23 15.23 -16.59 -1.17
CA SER C 23 14.83 -15.88 0.02
C SER C 23 13.87 -14.76 -0.38
N ILE C 24 12.69 -14.73 0.23
CA ILE C 24 11.72 -13.68 -0.05
C ILE C 24 11.56 -12.83 1.19
N TYR C 25 11.92 -11.57 1.09
CA TYR C 25 11.79 -10.67 2.24
C TYR C 25 10.47 -9.94 2.17
N LEU C 26 9.70 -10.03 3.25
CA LEU C 26 8.43 -9.35 3.32
C LEU C 26 8.67 -7.88 3.67
N VAL C 27 7.67 -7.03 3.49
CA VAL C 27 7.82 -5.61 3.80
C VAL C 27 8.07 -5.34 5.29
N ASN C 28 7.65 -6.27 6.15
CA ASN C 28 7.86 -6.09 7.58
C ASN C 28 9.18 -6.68 8.07
N GLY C 29 10.10 -6.96 7.15
CA GLY C 29 11.40 -7.45 7.54
C GLY C 29 11.53 -8.96 7.58
N ILE C 30 10.42 -9.68 7.72
CA ILE C 30 10.45 -11.14 7.78
C ILE C 30 10.98 -11.79 6.50
N LYS C 31 11.81 -12.83 6.66
CA LYS C 31 12.38 -13.56 5.55
C LYS C 31 11.79 -14.96 5.37
N LEU C 32 11.30 -15.26 4.17
CA LEU C 32 10.82 -16.59 3.84
C LEU C 32 11.80 -17.26 2.88
N GLN C 33 11.92 -18.58 2.98
CA GLN C 33 12.78 -19.37 2.09
C GLN C 33 12.07 -20.57 1.48
N GLY C 34 12.36 -20.86 0.22
CA GLY C 34 11.82 -22.04 -0.42
C GLY C 34 12.04 -21.98 -1.91
N GLN C 35 11.13 -22.61 -2.64
CA GLN C 35 11.18 -22.64 -4.08
C GLN C 35 9.88 -22.08 -4.62
N ILE C 36 9.94 -21.40 -5.75
CA ILE C 36 8.73 -20.90 -6.39
C ILE C 36 8.06 -22.03 -7.15
N GLU C 37 6.95 -22.51 -6.59
CA GLU C 37 6.14 -23.54 -7.24
C GLU C 37 5.32 -22.98 -8.39
N SER C 38 4.62 -21.87 -8.16
CA SER C 38 3.94 -21.17 -9.24
C SER C 38 3.68 -19.72 -8.87
N PHE C 39 3.11 -18.96 -9.79
CA PHE C 39 2.78 -17.57 -9.52
C PHE C 39 1.80 -17.04 -10.53
N ASP C 40 1.14 -15.94 -10.19
CA ASP C 40 0.29 -15.28 -11.16
C ASP C 40 0.45 -13.77 -11.02
N GLN C 41 -0.54 -13.01 -11.43
CA GLN C 41 -0.46 -11.56 -11.29
C GLN C 41 -0.29 -11.10 -9.84
N PHE C 42 -0.95 -11.75 -8.88
CA PHE C 42 -0.99 -11.21 -7.52
C PHE C 42 -0.26 -12.00 -6.44
N VAL C 43 0.00 -13.27 -6.69
CA VAL C 43 0.57 -14.13 -5.66
C VAL C 43 1.68 -15.05 -6.13
N ILE C 44 2.49 -15.49 -5.17
CA ILE C 44 3.48 -16.51 -5.40
C ILE C 44 3.22 -17.66 -4.44
N LEU C 45 3.28 -18.87 -4.97
CA LEU C 45 3.18 -20.07 -4.17
C LEU C 45 4.58 -20.56 -3.87
N LEU C 46 4.95 -20.49 -2.60
CA LEU C 46 6.27 -20.81 -2.14
C LEU C 46 6.26 -22.23 -1.54
N LYS C 47 7.05 -23.11 -2.15
CA LYS C 47 7.09 -24.51 -1.78
C LYS C 47 8.05 -24.75 -0.63
N ASN C 48 7.56 -25.43 0.39
CA ASN C 48 8.40 -26.15 1.33
C ASN C 48 7.64 -27.23 2.13
N THR C 49 7.57 -27.09 3.45
CA THR C 49 6.85 -28.09 4.23
C THR C 49 5.38 -28.14 3.76
N VAL C 50 4.74 -26.99 3.74
CA VAL C 50 3.56 -26.81 2.91
C VAL C 50 3.86 -25.74 1.86
N SER C 51 3.04 -25.65 0.84
CA SER C 51 3.15 -24.57 -0.12
C SER C 51 2.28 -23.40 0.37
N GLN C 52 2.91 -22.30 0.76
CA GLN C 52 2.15 -21.12 1.20
C GLN C 52 1.94 -20.09 0.08
N MET C 53 0.86 -19.34 0.21
CA MET C 53 0.57 -18.29 -0.75
C MET C 53 1.01 -16.92 -0.22
N VAL C 54 1.82 -16.24 -1.01
CA VAL C 54 2.39 -14.96 -0.62
C VAL C 54 1.87 -13.92 -1.57
N TYR C 55 1.24 -12.88 -1.04
CA TYR C 55 0.80 -11.78 -1.90
C TYR C 55 2.00 -10.95 -2.30
N LYS C 56 2.14 -10.69 -3.59
CA LYS C 56 3.22 -9.82 -4.08
C LYS C 56 3.23 -8.46 -3.40
N HIS C 57 2.05 -7.90 -3.16
CA HIS C 57 1.99 -6.62 -2.44
C HIS C 57 2.71 -6.65 -1.08
N ALA C 58 2.87 -7.82 -0.48
CA ALA C 58 3.60 -7.89 0.79
C ALA C 58 5.10 -8.12 0.66
N ILE C 59 5.60 -8.20 -0.58
CA ILE C 59 6.99 -8.53 -0.80
C ILE C 59 7.86 -7.27 -1.06
N SER C 60 9.02 -7.21 -0.40
CA SER C 60 10.07 -6.23 -0.72
C SER C 60 10.97 -6.75 -1.84
N THR C 61 11.66 -7.86 -1.59
CA THR C 61 12.57 -8.44 -2.58
C THR C 61 12.50 -9.95 -2.72
N VAL C 62 12.92 -10.44 -3.87
CA VAL C 62 13.20 -11.84 -4.12
C VAL C 62 14.70 -12.00 -4.37
N VAL C 63 15.36 -12.80 -3.56
CA VAL C 63 16.80 -12.97 -3.66
C VAL C 63 17.14 -14.43 -3.86
N PRO C 64 17.57 -14.79 -5.07
CA PRO C 64 17.94 -16.18 -5.37
C PRO C 64 19.17 -16.58 -4.59
N SER C 65 19.22 -17.82 -4.13
CA SER C 65 20.39 -18.30 -3.41
C SER C 65 21.64 -18.34 -4.29
N ARG C 66 21.45 -18.55 -5.59
CA ARG C 66 22.57 -18.55 -6.53
C ARG C 66 22.29 -17.66 -7.73
N PRO C 67 23.35 -17.13 -8.35
CA PRO C 67 23.24 -16.32 -9.57
C PRO C 67 22.44 -17.04 -10.65
N VAL C 68 21.54 -16.30 -11.31
CA VAL C 68 20.66 -16.89 -12.30
C VAL C 68 20.50 -16.00 -13.53
N ARG C 69 20.73 -16.59 -14.71
CA ARG C 69 20.55 -15.88 -15.96
C ARG C 69 19.19 -16.21 -16.57
N LEU C 70 18.77 -15.40 -17.54
CA LEU C 70 17.44 -15.59 -18.15
C LEU C 70 17.47 -15.55 -19.68
N PRO C 71 18.20 -16.51 -20.31
CA PRO C 71 18.36 -16.53 -21.77
C PRO C 71 17.03 -16.61 -22.52
N HIS D 5 -5.85 -13.58 -11.27
CA HIS D 5 -6.20 -14.42 -10.11
C HIS D 5 -6.36 -15.92 -10.43
N SER D 6 -5.64 -16.37 -11.46
CA SER D 6 -5.74 -17.77 -11.89
C SER D 6 -5.29 -18.75 -10.80
N LEU D 7 -4.47 -18.28 -9.86
CA LEU D 7 -4.00 -19.18 -8.82
C LEU D 7 -4.69 -18.96 -7.49
N GLN D 8 -4.77 -17.71 -7.07
CA GLN D 8 -5.33 -17.34 -5.80
C GLN D 8 -6.72 -17.94 -5.57
N ASP D 9 -7.61 -17.80 -6.54
CA ASP D 9 -8.99 -18.23 -6.38
C ASP D 9 -9.17 -19.75 -6.19
N PRO D 10 -8.62 -20.57 -7.12
CA PRO D 10 -8.74 -22.02 -6.93
C PRO D 10 -8.06 -22.46 -5.65
N TYR D 11 -6.97 -21.77 -5.29
CA TYR D 11 -6.26 -22.08 -4.06
C TYR D 11 -7.09 -21.77 -2.81
N LEU D 12 -7.72 -20.60 -2.79
CA LEU D 12 -8.59 -20.24 -1.68
C LEU D 12 -9.86 -21.07 -1.71
N ASN D 13 -10.34 -21.39 -2.90
CA ASN D 13 -11.54 -22.21 -2.99
C ASN D 13 -11.30 -23.64 -2.47
N THR D 14 -10.11 -24.16 -2.71
CA THR D 14 -9.76 -25.46 -2.15
C THR D 14 -9.74 -25.43 -0.63
N LEU D 15 -9.12 -24.37 -0.10
CA LEU D 15 -9.05 -24.17 1.34
C LEU D 15 -10.43 -24.03 1.94
N ARG D 16 -11.29 -23.28 1.26
CA ARG D 16 -12.66 -23.07 1.73
C ARG D 16 -13.41 -24.40 1.75
N LYS D 17 -13.53 -25.02 0.59
CA LYS D 17 -14.34 -26.23 0.42
C LYS D 17 -13.88 -27.44 1.22
N GLU D 18 -12.59 -27.54 1.50
CA GLU D 18 -12.13 -28.66 2.29
C GLU D 18 -12.02 -28.29 3.76
N ARG D 19 -12.39 -27.04 4.05
CA ARG D 19 -12.43 -26.52 5.40
C ARG D 19 -11.10 -26.74 6.11
N VAL D 20 -10.01 -26.48 5.39
CA VAL D 20 -8.65 -26.68 5.89
C VAL D 20 -8.29 -25.58 6.90
N PRO D 21 -7.78 -25.98 8.07
CA PRO D 21 -7.25 -25.03 9.07
C PRO D 21 -6.08 -24.25 8.48
N VAL D 22 -6.08 -22.94 8.65
CA VAL D 22 -5.06 -22.11 8.00
C VAL D 22 -4.47 -21.12 8.97
N SER D 23 -3.33 -20.57 8.60
CA SER D 23 -2.80 -19.41 9.26
C SER D 23 -2.74 -18.28 8.23
N ILE D 24 -3.09 -17.08 8.67
CA ILE D 24 -3.01 -15.89 7.82
C ILE D 24 -2.10 -14.90 8.49
N TYR D 25 -0.95 -14.64 7.86
CA TYR D 25 -0.03 -13.66 8.40
C TYR D 25 -0.35 -12.29 7.81
N LEU D 26 -0.51 -11.30 8.68
CA LEU D 26 -0.85 -9.96 8.19
C LEU D 26 0.42 -9.21 7.89
N VAL D 27 0.34 -8.11 7.13
CA VAL D 27 1.54 -7.34 6.81
C VAL D 27 2.22 -6.72 8.03
N ASN D 28 1.49 -6.52 9.12
CA ASN D 28 2.11 -6.01 10.34
C ASN D 28 2.69 -7.11 11.23
N GLY D 29 2.58 -8.36 10.79
CA GLY D 29 3.21 -9.45 11.53
C GLY D 29 2.25 -10.16 12.45
N ILE D 30 1.01 -9.69 12.50
CA ILE D 30 0.01 -10.39 13.29
C ILE D 30 -0.35 -11.72 12.62
N LYS D 31 -0.52 -12.76 13.41
CA LYS D 31 -0.89 -14.06 12.89
C LYS D 31 -2.31 -14.42 13.27
N LEU D 32 -3.15 -14.65 12.27
CA LEU D 32 -4.52 -15.11 12.49
C LEU D 32 -4.65 -16.60 12.17
N GLN D 33 -5.51 -17.31 12.90
CA GLN D 33 -5.80 -18.70 12.61
C GLN D 33 -7.29 -18.97 12.53
N GLY D 34 -7.67 -20.01 11.79
CA GLY D 34 -9.06 -20.35 11.58
C GLY D 34 -9.24 -21.10 10.28
N GLN D 35 -10.33 -20.82 9.58
CA GLN D 35 -10.55 -21.42 8.28
C GLN D 35 -11.21 -20.40 7.38
N ILE D 36 -11.04 -20.55 6.08
CA ILE D 36 -11.66 -19.64 5.13
C ILE D 36 -13.12 -20.01 4.93
N GLU D 37 -14.00 -19.13 5.34
CA GLU D 37 -15.44 -19.35 5.24
C GLU D 37 -15.93 -18.91 3.87
N SER D 38 -15.47 -17.74 3.44
CA SER D 38 -15.80 -17.22 2.13
C SER D 38 -14.74 -16.20 1.76
N PHE D 39 -14.75 -15.81 0.49
CA PHE D 39 -13.86 -14.77 0.01
C PHE D 39 -14.38 -14.17 -1.30
N ASP D 40 -13.94 -12.95 -1.61
CA ASP D 40 -14.12 -12.42 -2.95
C ASP D 40 -12.81 -11.80 -3.45
N GLN D 41 -12.90 -10.86 -4.38
CA GLN D 41 -11.70 -10.22 -4.91
C GLN D 41 -10.91 -9.47 -3.85
N PHE D 42 -11.60 -8.91 -2.85
CA PHE D 42 -10.88 -8.08 -1.91
C PHE D 42 -10.79 -8.56 -0.48
N VAL D 43 -11.72 -9.41 -0.08
CA VAL D 43 -11.77 -9.80 1.32
C VAL D 43 -11.84 -11.32 1.51
N ILE D 44 -11.46 -11.75 2.70
CA ILE D 44 -11.64 -13.10 3.13
C ILE D 44 -12.35 -13.07 4.47
N LEU D 45 -13.39 -13.90 4.60
CA LEU D 45 -14.05 -14.12 5.87
C LEU D 45 -13.31 -15.24 6.58
N LEU D 46 -12.60 -14.88 7.63
CA LEU D 46 -11.89 -15.86 8.43
C LEU D 46 -12.75 -16.30 9.59
N LYS D 47 -13.07 -17.58 9.61
CA LYS D 47 -13.98 -18.15 10.58
C LYS D 47 -13.22 -18.70 11.75
N ASN D 48 -13.71 -18.35 12.94
CA ASN D 48 -13.47 -19.12 14.16
C ASN D 48 -14.36 -18.73 15.35
N THR D 49 -13.78 -18.65 16.55
CA THR D 49 -14.51 -18.26 17.77
C THR D 49 -15.37 -17.05 17.47
N VAL D 50 -14.71 -15.92 17.23
CA VAL D 50 -15.36 -14.80 16.57
C VAL D 50 -14.92 -14.80 15.11
N SER D 51 -15.86 -14.68 14.19
CA SER D 51 -15.55 -14.63 12.76
C SER D 51 -15.24 -13.19 12.38
N GLN D 52 -14.47 -12.99 11.32
CA GLN D 52 -14.02 -11.65 10.96
C GLN D 52 -13.72 -11.49 9.48
N MET D 53 -13.76 -10.25 9.01
CA MET D 53 -13.46 -9.94 7.62
C MET D 53 -12.04 -9.36 7.55
N VAL D 54 -11.21 -9.99 6.72
CA VAL D 54 -9.80 -9.61 6.56
C VAL D 54 -9.64 -9.03 5.16
N TYR D 55 -9.05 -7.85 5.05
CA TYR D 55 -8.74 -7.27 3.74
C TYR D 55 -7.47 -7.92 3.21
N LYS D 56 -7.52 -8.43 1.98
CA LYS D 56 -6.35 -9.07 1.35
C LYS D 56 -5.17 -8.10 1.31
N HIS D 57 -5.43 -6.79 1.21
CA HIS D 57 -4.35 -5.79 1.14
C HIS D 57 -3.51 -5.78 2.41
N ALA D 58 -4.10 -6.23 3.51
CA ALA D 58 -3.39 -6.36 4.77
C ALA D 58 -2.76 -7.77 5.00
N ILE D 59 -2.96 -8.68 4.08
CA ILE D 59 -2.38 -10.02 4.25
C ILE D 59 -1.02 -10.18 3.58
N SER D 60 -0.05 -10.72 4.32
CA SER D 60 1.20 -11.11 3.68
C SER D 60 1.16 -12.54 3.16
N THR D 61 0.84 -13.52 4.02
CA THR D 61 0.77 -14.91 3.57
C THR D 61 -0.44 -15.72 4.08
N VAL D 62 -0.76 -16.79 3.36
CA VAL D 62 -1.79 -17.76 3.76
C VAL D 62 -1.13 -19.14 3.84
N VAL D 63 -1.12 -19.73 5.03
CA VAL D 63 -0.37 -20.96 5.31
C VAL D 63 -1.26 -22.09 5.86
N PRO D 64 -1.65 -23.03 4.98
CA PRO D 64 -2.47 -24.16 5.43
C PRO D 64 -1.73 -25.01 6.46
N SER D 65 -2.47 -25.67 7.34
CA SER D 65 -1.89 -26.47 8.41
C SER D 65 -1.35 -27.80 7.86
N ARG D 66 -1.77 -28.16 6.65
CA ARG D 66 -1.38 -29.41 6.02
C ARG D 66 -1.26 -29.18 4.52
N PRO D 67 -0.56 -30.08 3.81
CA PRO D 67 -0.50 -29.93 2.34
C PRO D 67 -1.88 -30.05 1.74
N VAL D 68 -2.11 -29.32 0.64
CA VAL D 68 -3.40 -29.35 -0.06
C VAL D 68 -3.14 -29.46 -1.56
N ARG D 69 -4.07 -30.10 -2.26
CA ARG D 69 -4.01 -30.11 -3.73
C ARG D 69 -3.80 -28.70 -4.30
N LEU D 70 -2.81 -28.55 -5.18
CA LEU D 70 -2.45 -27.23 -5.70
C LEU D 70 -3.01 -27.01 -7.11
N PRO D 71 -3.60 -25.82 -7.34
CA PRO D 71 -4.14 -25.44 -8.65
C PRO D 71 -3.12 -25.60 -9.78
N SER D 72 -3.51 -26.34 -10.82
CA SER D 72 -2.65 -26.50 -12.01
C SER D 72 -3.43 -26.36 -13.31
N GLY E 4 -16.48 -10.90 -6.39
CA GLY E 4 -15.60 -9.76 -6.54
C GLY E 4 -15.79 -8.75 -5.41
N HIS E 5 -17.05 -8.37 -5.20
CA HIS E 5 -17.46 -7.60 -4.02
C HIS E 5 -18.67 -8.28 -3.37
N SER E 6 -18.88 -9.54 -3.75
CA SER E 6 -20.06 -10.31 -3.34
C SER E 6 -20.02 -10.73 -1.87
N LEU E 7 -18.84 -10.61 -1.25
CA LEU E 7 -18.75 -10.82 0.19
C LEU E 7 -18.72 -9.47 0.93
N GLN E 8 -17.80 -8.58 0.56
CA GLN E 8 -17.59 -7.34 1.29
C GLN E 8 -18.84 -6.47 1.41
N ASP E 9 -19.49 -6.21 0.28
CA ASP E 9 -20.67 -5.35 0.30
C ASP E 9 -21.79 -5.90 1.22
N PRO E 10 -22.26 -7.15 0.96
CA PRO E 10 -23.32 -7.69 1.81
C PRO E 10 -22.91 -7.83 3.28
N TYR E 11 -21.64 -8.05 3.54
CA TYR E 11 -21.14 -8.11 4.89
C TYR E 11 -21.26 -6.73 5.56
N LEU E 12 -20.69 -5.72 4.92
CA LEU E 12 -20.72 -4.37 5.46
C LEU E 12 -22.13 -3.82 5.54
N ASN E 13 -22.95 -4.14 4.53
CA ASN E 13 -24.32 -3.68 4.55
C ASN E 13 -25.18 -4.33 5.62
N THR E 14 -24.94 -5.60 5.89
CA THR E 14 -25.64 -6.27 6.96
C THR E 14 -25.26 -5.63 8.28
N LEU E 15 -23.99 -5.25 8.41
CA LEU E 15 -23.52 -4.68 9.67
C LEU E 15 -24.11 -3.27 9.84
N ARG E 16 -24.35 -2.60 8.72
CA ARG E 16 -24.92 -1.26 8.74
C ARG E 16 -26.40 -1.31 9.09
N LYS E 17 -27.15 -2.11 8.34
CA LYS E 17 -28.61 -2.20 8.51
C LYS E 17 -28.96 -2.63 9.92
N GLU E 18 -28.16 -3.53 10.48
CA GLU E 18 -28.48 -4.09 11.76
C GLU E 18 -27.78 -3.36 12.88
N ARG E 19 -27.00 -2.33 12.52
CA ARG E 19 -26.36 -1.45 13.52
C ARG E 19 -25.54 -2.23 14.54
N VAL E 20 -24.90 -3.29 14.04
CA VAL E 20 -24.09 -4.18 14.87
C VAL E 20 -22.84 -3.49 15.36
N PRO E 21 -22.59 -3.51 16.68
CA PRO E 21 -21.31 -2.97 17.16
C PRO E 21 -20.16 -3.74 16.51
N VAL E 22 -19.16 -2.99 16.04
CA VAL E 22 -18.01 -3.61 15.40
C VAL E 22 -16.71 -3.03 15.94
N SER E 23 -15.65 -3.83 15.86
CA SER E 23 -14.30 -3.32 16.03
C SER E 23 -13.63 -3.35 14.66
N ILE E 24 -12.90 -2.29 14.34
CA ILE E 24 -12.15 -2.18 13.11
C ILE E 24 -10.70 -2.01 13.47
N TYR E 25 -9.89 -3.00 13.09
CA TYR E 25 -8.45 -2.92 13.33
C TYR E 25 -7.71 -2.35 12.14
N LEU E 26 -6.86 -1.36 12.40
CA LEU E 26 -6.07 -0.74 11.36
C LEU E 26 -4.73 -1.47 11.26
N VAL E 27 -4.09 -1.43 10.09
CA VAL E 27 -2.79 -2.08 9.93
C VAL E 27 -1.77 -1.59 10.96
N ASN E 28 -1.87 -0.34 11.40
CA ASN E 28 -0.91 0.17 12.40
C ASN E 28 -1.13 -0.33 13.85
N GLY E 29 -2.18 -1.09 14.08
CA GLY E 29 -2.46 -1.58 15.42
C GLY E 29 -3.58 -0.85 16.14
N ILE E 30 -4.00 0.31 15.63
CA ILE E 30 -5.12 1.04 16.20
C ILE E 30 -6.43 0.24 16.14
N LYS E 31 -7.20 0.28 17.23
CA LYS E 31 -8.50 -0.37 17.29
C LYS E 31 -9.60 0.69 17.41
N LEU E 32 -10.43 0.76 16.38
CA LEU E 32 -11.55 1.68 16.32
C LEU E 32 -12.82 0.94 16.69
N GLN E 33 -13.74 1.61 17.37
CA GLN E 33 -15.00 0.95 17.66
C GLN E 33 -16.21 1.80 17.31
N GLY E 34 -17.29 1.14 16.92
CA GLY E 34 -18.51 1.85 16.65
C GLY E 34 -19.47 1.00 15.85
N GLN E 35 -20.00 1.59 14.79
CA GLN E 35 -20.97 0.92 13.95
C GLN E 35 -20.85 1.49 12.54
N ILE E 36 -21.06 0.65 11.55
CA ILE E 36 -20.95 1.10 10.18
C ILE E 36 -22.15 1.98 9.90
N GLU E 37 -21.88 3.26 9.61
CA GLU E 37 -22.91 4.23 9.27
C GLU E 37 -23.25 4.20 7.79
N SER E 38 -22.21 4.09 6.99
CA SER E 38 -22.31 3.95 5.53
C SER E 38 -20.91 3.55 5.05
N PHE E 39 -20.80 3.26 3.76
CA PHE E 39 -19.52 2.89 3.18
C PHE E 39 -19.64 3.02 1.70
N ASP E 40 -18.51 3.24 1.02
CA ASP E 40 -18.46 3.11 -0.42
C ASP E 40 -17.27 2.25 -0.81
N GLN E 41 -16.90 2.33 -2.08
CA GLN E 41 -15.80 1.51 -2.60
C GLN E 41 -14.53 1.68 -1.77
N PHE E 42 -14.26 2.90 -1.29
CA PHE E 42 -12.97 3.21 -0.69
C PHE E 42 -12.93 3.52 0.81
N VAL E 43 -14.03 3.98 1.36
CA VAL E 43 -14.02 4.42 2.75
C VAL E 43 -15.21 3.85 3.54
N ILE E 44 -15.07 3.87 4.85
CA ILE E 44 -16.17 3.53 5.72
C ILE E 44 -16.44 4.67 6.71
N LEU E 45 -17.69 5.07 6.80
CA LEU E 45 -18.11 6.00 7.85
C LEU E 45 -18.40 5.24 9.15
N LEU E 46 -17.55 5.44 10.14
CA LEU E 46 -17.71 4.75 11.41
C LEU E 46 -18.28 5.67 12.48
N LYS E 47 -19.51 5.38 12.90
CA LYS E 47 -20.15 6.17 13.91
C LYS E 47 -19.72 5.77 15.31
N ASN E 48 -19.19 6.74 16.05
CA ASN E 48 -19.40 6.83 17.50
C ASN E 48 -19.60 8.26 18.06
N THR E 49 -18.58 8.90 18.62
CA THR E 49 -18.81 10.26 19.12
C THR E 49 -19.05 11.24 17.97
N VAL E 50 -18.24 11.14 16.92
CA VAL E 50 -18.55 11.72 15.63
C VAL E 50 -18.52 10.55 14.63
N SER E 51 -19.00 10.77 13.42
CA SER E 51 -18.86 9.82 12.35
C SER E 51 -17.52 10.08 11.65
N GLN E 52 -16.54 9.21 11.87
CA GLN E 52 -15.24 9.40 11.24
C GLN E 52 -15.13 8.59 9.96
N MET E 53 -14.37 9.12 9.00
CA MET E 53 -14.15 8.43 7.73
C MET E 53 -12.89 7.57 7.86
N VAL E 54 -13.03 6.27 7.63
CA VAL E 54 -11.88 5.39 7.68
C VAL E 54 -11.57 4.96 6.26
N TYR E 55 -10.34 5.20 5.80
CA TYR E 55 -9.90 4.65 4.51
C TYR E 55 -9.68 3.14 4.61
N LYS E 56 -10.33 2.40 3.73
CA LYS E 56 -10.24 0.94 3.75
C LYS E 56 -8.80 0.44 3.66
N HIS E 57 -7.98 1.08 2.82
CA HIS E 57 -6.60 0.66 2.61
C HIS E 57 -5.81 0.66 3.92
N ALA E 58 -6.29 1.37 4.93
CA ALA E 58 -5.64 1.38 6.23
C ALA E 58 -6.14 0.28 7.16
N ILE E 59 -7.19 -0.43 6.77
CA ILE E 59 -7.83 -1.42 7.65
C ILE E 59 -7.24 -2.80 7.42
N SER E 60 -6.97 -3.53 8.50
CA SER E 60 -6.61 -4.93 8.35
C SER E 60 -7.84 -5.82 8.50
N THR E 61 -8.52 -5.74 9.63
CA THR E 61 -9.71 -6.55 9.85
C THR E 61 -10.92 -5.78 10.36
N VAL E 62 -12.09 -6.35 10.12
CA VAL E 62 -13.36 -5.87 10.63
C VAL E 62 -14.01 -6.99 11.43
N VAL E 63 -14.17 -6.78 12.72
CA VAL E 63 -14.63 -7.81 13.64
C VAL E 63 -15.91 -7.42 14.36
N PRO E 64 -17.04 -8.04 13.99
CA PRO E 64 -18.30 -7.70 14.67
C PRO E 64 -18.35 -8.24 16.11
N SER E 65 -19.08 -7.53 16.97
CA SER E 65 -19.13 -7.80 18.39
C SER E 65 -19.98 -9.05 18.70
N ARG E 66 -20.66 -9.54 17.67
CA ARG E 66 -21.53 -10.70 17.80
C ARG E 66 -21.62 -11.30 16.40
N PRO E 67 -21.98 -12.59 16.30
CA PRO E 67 -22.03 -13.20 14.98
C PRO E 67 -23.16 -12.65 14.14
N VAL E 68 -23.04 -12.74 12.82
CA VAL E 68 -24.06 -12.20 11.95
C VAL E 68 -24.46 -13.16 10.83
N ARG E 69 -25.75 -13.32 10.63
CA ARG E 69 -26.26 -14.12 9.54
C ARG E 69 -26.25 -13.32 8.24
N LEU E 70 -25.67 -13.90 7.18
CA LEU E 70 -25.59 -13.22 5.88
C LEU E 70 -26.84 -13.48 5.04
N PRO E 71 -27.12 -12.61 4.06
CA PRO E 71 -28.28 -12.81 3.17
C PRO E 71 -28.24 -14.15 2.42
N LYS F 3 -19.58 1.93 -3.62
CA LYS F 3 -20.34 2.75 -4.56
C LYS F 3 -19.50 3.91 -5.11
N GLY F 4 -18.27 3.60 -5.51
CA GLY F 4 -17.38 4.60 -6.08
C GLY F 4 -16.86 5.58 -5.05
N HIS F 5 -17.25 6.84 -5.16
CA HIS F 5 -16.86 7.88 -4.19
C HIS F 5 -18.08 8.59 -3.62
N SER F 6 -19.22 7.91 -3.64
CA SER F 6 -20.49 8.52 -3.25
C SER F 6 -20.56 8.93 -1.78
N LEU F 7 -19.64 8.42 -0.97
CA LEU F 7 -19.56 8.86 0.41
C LEU F 7 -18.40 9.82 0.60
N GLN F 8 -17.21 9.40 0.15
CA GLN F 8 -15.99 10.17 0.39
C GLN F 8 -16.06 11.61 -0.13
N ASP F 9 -16.56 11.77 -1.35
CA ASP F 9 -16.60 13.10 -1.94
C ASP F 9 -17.51 14.08 -1.19
N PRO F 10 -18.82 13.77 -1.07
CA PRO F 10 -19.66 14.73 -0.34
C PRO F 10 -19.24 14.91 1.11
N TYR F 11 -18.65 13.87 1.70
CA TYR F 11 -18.25 13.98 3.10
C TYR F 11 -17.12 14.98 3.22
N LEU F 12 -16.09 14.84 2.39
CA LEU F 12 -14.99 15.79 2.37
C LEU F 12 -15.47 17.16 1.94
N ASN F 13 -16.40 17.19 0.97
CA ASN F 13 -16.94 18.45 0.51
C ASN F 13 -17.68 19.19 1.61
N THR F 14 -18.45 18.47 2.41
CA THR F 14 -19.10 19.04 3.58
C THR F 14 -18.09 19.69 4.54
N LEU F 15 -17.08 18.93 4.96
CA LEU F 15 -16.02 19.43 5.82
C LEU F 15 -15.28 20.61 5.19
N ARG F 16 -15.17 20.63 3.87
CA ARG F 16 -14.52 21.75 3.19
C ARG F 16 -15.39 23.01 3.31
N LYS F 17 -16.66 22.89 2.92
CA LYS F 17 -17.58 24.02 2.85
C LYS F 17 -17.97 24.58 4.20
N GLU F 18 -18.06 23.72 5.22
CA GLU F 18 -18.46 24.17 6.53
C GLU F 18 -17.22 24.57 7.30
N ARG F 19 -16.07 24.36 6.68
CA ARG F 19 -14.79 24.71 7.30
C ARG F 19 -14.59 24.09 8.68
N VAL F 20 -15.13 22.89 8.88
CA VAL F 20 -14.97 22.20 10.13
C VAL F 20 -13.52 21.81 10.32
N PRO F 21 -12.93 22.16 11.47
CA PRO F 21 -11.58 21.67 11.76
C PRO F 21 -11.62 20.14 11.85
N VAL F 22 -10.61 19.48 11.30
CA VAL F 22 -10.55 18.03 11.37
C VAL F 22 -9.25 17.56 12.00
N SER F 23 -9.22 16.32 12.45
CA SER F 23 -7.93 15.65 12.66
C SER F 23 -7.75 14.59 11.56
N ILE F 24 -6.60 14.62 10.91
CA ILE F 24 -6.25 13.61 9.92
C ILE F 24 -5.17 12.75 10.51
N TYR F 25 -5.46 11.47 10.74
CA TYR F 25 -4.43 10.57 11.22
C TYR F 25 -3.74 9.89 10.05
N LEU F 26 -2.42 9.79 10.11
CA LEU F 26 -1.65 9.17 9.04
C LEU F 26 -1.46 7.70 9.35
N VAL F 27 -0.97 6.94 8.36
CA VAL F 27 -0.82 5.50 8.57
C VAL F 27 0.15 5.20 9.72
N ASN F 28 1.16 6.06 9.90
CA ASN F 28 2.15 5.85 10.95
C ASN F 28 1.80 6.35 12.35
N GLY F 29 0.55 6.77 12.57
CA GLY F 29 0.17 7.25 13.88
C GLY F 29 0.15 8.77 14.04
N ILE F 30 0.78 9.48 13.10
CA ILE F 30 0.85 10.94 13.19
C ILE F 30 -0.51 11.62 12.98
N LYS F 31 -0.77 12.60 13.83
CA LYS F 31 -2.00 13.36 13.82
C LYS F 31 -1.74 14.74 13.22
N LEU F 32 -2.39 15.03 12.10
CA LEU F 32 -2.37 16.36 11.51
C LEU F 32 -3.68 17.07 11.83
N GLN F 33 -3.63 18.39 11.95
CA GLN F 33 -4.82 19.16 12.29
C GLN F 33 -4.92 20.44 11.48
N GLY F 34 -6.11 20.72 10.98
CA GLY F 34 -6.38 21.94 10.24
C GLY F 34 -7.74 21.86 9.60
N GLN F 35 -7.93 22.60 8.52
CA GLN F 35 -9.20 22.65 7.82
C GLN F 35 -8.96 22.13 6.42
N ILE F 36 -9.93 21.43 5.86
CA ILE F 36 -9.79 20.92 4.50
C ILE F 36 -10.03 22.06 3.53
N GLU F 37 -8.96 22.50 2.88
CA GLU F 37 -9.04 23.61 1.93
C GLU F 37 -9.58 23.13 0.58
N SER F 38 -9.01 22.05 0.05
CA SER F 38 -9.60 21.32 -1.09
C SER F 38 -9.07 19.89 -1.16
N PHE F 39 -9.57 19.13 -2.12
CA PHE F 39 -9.14 17.74 -2.31
C PHE F 39 -9.37 17.34 -3.76
N ASP F 40 -8.60 16.37 -4.24
CA ASP F 40 -8.93 15.71 -5.49
C ASP F 40 -8.99 14.19 -5.28
N GLN F 41 -8.84 13.43 -6.36
CA GLN F 41 -8.92 11.97 -6.25
C GLN F 41 -7.84 11.43 -5.32
N PHE F 42 -6.68 12.07 -5.32
CA PHE F 42 -5.52 11.51 -4.67
C PHE F 42 -5.02 12.24 -3.41
N VAL F 43 -5.23 13.55 -3.33
CA VAL F 43 -4.68 14.34 -2.23
C VAL F 43 -5.70 15.22 -1.51
N ILE F 44 -5.31 15.70 -0.34
CA ILE F 44 -6.07 16.65 0.44
C ILE F 44 -5.13 17.78 0.83
N LEU F 45 -5.56 19.02 0.58
CA LEU F 45 -4.82 20.20 1.03
C LEU F 45 -5.27 20.60 2.42
N LEU F 46 -4.36 20.56 3.37
CA LEU F 46 -4.68 20.82 4.74
C LEU F 46 -4.14 22.18 5.19
N LYS F 47 -5.06 23.08 5.57
CA LYS F 47 -4.71 24.46 5.87
C LYS F 47 -4.42 24.71 7.35
N ASN F 48 -3.26 25.34 7.61
CA ASN F 48 -2.99 26.09 8.83
C ASN F 48 -1.94 27.16 8.52
N THR F 49 -0.74 27.07 9.10
CA THR F 49 0.32 28.04 8.75
C THR F 49 0.57 28.07 7.23
N VAL F 50 0.96 26.94 6.67
CA VAL F 50 0.93 26.79 5.22
C VAL F 50 -0.07 25.69 4.91
N SER F 51 -0.46 25.58 3.64
CA SER F 51 -1.34 24.51 3.24
C SER F 51 -0.53 23.30 2.77
N GLN F 52 -0.42 22.28 3.62
CA GLN F 52 0.33 21.08 3.25
C GLN F 52 -0.52 20.11 2.44
N MET F 53 0.14 19.35 1.57
CA MET F 53 -0.55 18.38 0.73
C MET F 53 -0.43 16.99 1.35
N VAL F 54 -1.56 16.36 1.62
CA VAL F 54 -1.58 15.02 2.22
C VAL F 54 -2.06 13.98 1.21
N TYR F 55 -1.22 13.00 0.92
CA TYR F 55 -1.65 11.88 0.10
C TYR F 55 -2.70 11.06 0.84
N LYS F 56 -3.82 10.80 0.17
CA LYS F 56 -4.86 9.95 0.75
C LYS F 56 -4.34 8.54 1.11
N HIS F 57 -3.42 8.01 0.30
CA HIS F 57 -2.88 6.66 0.52
C HIS F 57 -2.16 6.55 1.87
N ALA F 58 -1.86 7.69 2.50
CA ALA F 58 -1.14 7.68 3.77
C ALA F 58 -2.06 8.01 4.96
N ILE F 59 -3.35 8.18 4.68
CA ILE F 59 -4.30 8.55 5.72
C ILE F 59 -5.03 7.29 6.16
N SER F 60 -5.15 7.09 7.46
CA SER F 60 -6.04 6.06 7.97
C SER F 60 -7.44 6.61 8.23
N THR F 61 -7.54 7.73 8.94
CA THR F 61 -8.84 8.35 9.25
C THR F 61 -8.88 9.87 9.20
N VAL F 62 -10.04 10.39 8.82
CA VAL F 62 -10.32 11.81 8.95
C VAL F 62 -11.41 12.00 10.01
N VAL F 63 -11.10 12.77 11.05
CA VAL F 63 -12.01 12.95 12.18
C VAL F 63 -12.41 14.42 12.37
N PRO F 64 -13.69 14.74 12.09
CA PRO F 64 -14.19 16.10 12.29
C PRO F 64 -14.23 16.49 13.76
N SER F 65 -13.80 17.70 14.09
CA SER F 65 -13.82 18.17 15.47
C SER F 65 -15.24 18.26 16.02
N ARG F 66 -16.23 18.27 15.13
CA ARG F 66 -17.64 18.26 15.54
C ARG F 66 -18.49 17.62 14.44
N PRO F 67 -19.58 16.93 14.82
CA PRO F 67 -20.35 16.15 13.85
C PRO F 67 -20.88 17.01 12.73
N VAL F 68 -21.19 16.37 11.61
CA VAL F 68 -21.70 17.06 10.43
C VAL F 68 -22.67 16.12 9.73
N ARG F 69 -23.42 16.65 8.78
CA ARG F 69 -24.42 15.83 8.09
C ARG F 69 -24.16 15.76 6.60
N LEU F 70 -24.42 14.59 6.02
CA LEU F 70 -24.28 14.37 4.59
C LEU F 70 -25.52 14.89 3.85
N PRO F 71 -25.34 15.31 2.59
CA PRO F 71 -26.49 15.65 1.74
C PRO F 71 -27.19 14.40 1.20
PG ATP G . 11.03 17.55 12.32
O1G ATP G . 11.78 18.86 12.23
O2G ATP G . 9.58 17.64 11.88
O3G ATP G . 11.77 16.36 11.74
PB ATP G . 10.08 18.17 14.90
O1B ATP G . 9.58 19.36 14.12
O2B ATP G . 10.82 18.39 16.20
O3B ATP G . 10.96 17.25 13.92
PA ATP G . 7.42 17.64 15.73
O1A ATP G . 7.05 18.97 15.10
O2A ATP G . 7.45 17.46 17.22
O3A ATP G . 8.86 17.16 15.17
O5' ATP G . 6.48 16.50 15.07
C5' ATP G . 6.30 15.24 15.70
C4' ATP G . 6.50 14.16 14.65
O4' ATP G . 5.60 14.37 13.56
C3' ATP G . 7.90 14.22 14.06
O3' ATP G . 8.37 12.87 13.89
C2' ATP G . 7.73 14.85 12.70
O2' ATP G . 8.73 14.37 11.79
C1' ATP G . 6.32 14.43 12.32
N9 ATP G . 5.63 15.41 11.45
C8 ATP G . 5.59 16.74 11.68
N7 ATP G . 4.87 17.38 10.72
C5 ATP G . 4.45 16.45 9.85
C6 ATP G . 3.64 16.47 8.62
N6 ATP G . 3.14 17.64 8.14
N1 ATP G . 3.41 15.29 8.01
C2 ATP G . 3.89 14.13 8.50
N3 ATP G . 4.63 14.04 9.62
C4 ATP G . 4.94 15.16 10.33
NA NA H . 8.19 12.14 11.56
PG ATP I . 24.97 5.36 5.38
O1G ATP I . 25.12 6.50 4.41
O2G ATP I . 23.92 4.36 4.98
O3G ATP I . 26.27 4.75 5.83
PB ATP I . 23.00 6.95 6.61
O1B ATP I . 22.12 6.38 5.51
O2B ATP I . 23.46 8.39 6.56
O3B ATP I . 24.32 6.02 6.71
PA ATP I . 21.07 7.75 8.49
O1A ATP I . 20.47 8.40 7.26
O2A ATP I . 21.61 8.65 9.58
O3A ATP I . 22.24 6.73 8.01
O5' ATP I . 19.95 6.76 9.10
C5' ATP I . 18.67 7.27 9.45
C4' ATP I . 17.58 6.53 8.68
O4' ATP I . 17.06 7.35 7.63
C3' ATP I . 18.10 5.25 8.02
O3' ATP I . 17.55 4.11 8.67
C2' ATP I . 17.60 5.27 6.59
O2' ATP I . 16.78 4.12 6.36
C1' ATP I . 16.79 6.55 6.47
N9 ATP I . 17.19 7.28 5.25
C8 ATP I . 18.36 7.92 5.08
N7 ATP I . 18.43 8.49 3.85
C5 ATP I . 17.27 8.24 3.23
C6 ATP I . 16.70 8.54 1.90
N6 ATP I . 17.38 9.27 0.99
N1 ATP I . 15.45 8.07 1.64
C2 ATP I . 14.77 7.35 2.53
N3 ATP I . 15.24 7.03 3.75
C4 ATP I . 16.46 7.43 4.15
PG ATP J . 19.53 -12.46 8.26
O1G ATP J . 18.35 -11.85 9.00
O2G ATP J . 20.65 -12.91 9.15
O3G ATP J . 19.15 -13.43 7.16
PB ATP J . 20.98 -10.08 8.28
O1B ATP J . 22.41 -10.55 8.42
O2B ATP J . 20.16 -9.76 9.51
O3B ATP J . 20.16 -11.20 7.46
PA ATP J . 21.23 -7.34 7.81
O1A ATP J . 22.21 -6.67 6.87
O2A ATP J . 21.48 -7.41 9.29
O3A ATP J . 20.94 -8.83 7.27
O5' ATP J . 19.76 -6.72 7.59
C5' ATP J . 18.96 -6.26 8.68
C4' ATP J . 17.53 -6.67 8.38
O4' ATP J . 17.24 -6.40 7.01
C3' ATP J . 17.32 -8.17 8.57
O3' ATP J . 16.40 -8.41 9.65
C2' ATP J . 16.74 -8.70 7.28
O2' ATP J . 15.46 -9.29 7.55
C1' ATP J . 16.58 -7.49 6.37
N9 ATP J . 17.20 -7.79 5.05
C8 ATP J . 18.40 -8.36 4.83
N7 ATP J . 18.66 -8.49 3.50
C5 ATP J . 17.60 -8.00 2.86
C6 ATP J . 17.20 -7.82 1.44
N6 ATP J . 18.02 -8.22 0.43
N1 ATP J . 16.00 -7.26 1.20
C2 ATP J . 15.16 -6.86 2.18
N3 ATP J . 15.46 -6.98 3.48
C4 ATP J . 16.63 -7.54 3.87
PG ATP K . 4.77 -18.41 14.44
O1G ATP K . 4.50 -19.41 13.36
O2G ATP K . 4.63 -16.97 14.01
O3G ATP K . 4.09 -18.72 15.76
PB ATP K . 7.36 -19.54 14.05
O1B ATP K . 7.23 -19.29 12.57
O2B ATP K . 7.23 -20.95 14.60
O3B ATP K . 6.34 -18.57 14.85
PA ATP K . 9.94 -18.72 13.42
O1A ATP K . 9.94 -19.86 12.43
O2A ATP K . 11.21 -18.37 14.17
O3A ATP K . 8.79 -18.94 14.51
O5' ATP K . 9.36 -17.40 12.70
C5' ATP K . 10.05 -16.17 12.81
C4' ATP K . 9.11 -15.07 12.39
O4' ATP K . 8.61 -15.36 11.09
C3' ATP K . 7.90 -14.96 13.32
O3' ATP K . 7.83 -13.61 13.77
C2' ATP K . 6.70 -15.26 12.47
O2' ATP K . 5.66 -14.31 12.72
C1' ATP K . 7.20 -15.12 11.05
N9 ATP K . 6.62 -16.08 10.08
C8 ATP K . 6.74 -17.42 10.14
N7 ATP K . 6.12 -17.99 9.08
C5 ATP K . 5.59 -17.01 8.34
C6 ATP K . 4.81 -16.91 7.08
N6 ATP K . 4.47 -18.04 6.41
N1 ATP K . 4.46 -15.69 6.65
C2 ATP K . 4.82 -14.57 7.31
N3 ATP K . 5.53 -14.57 8.45
C4 ATP K . 5.93 -15.74 8.99
C1 PEG L . -17.73 -18.44 -0.72
O1 PEG L . -16.62 -17.74 -1.33
C2 PEG L . -18.74 -18.90 -1.77
O2 PEG L . -18.15 -19.75 -2.74
C3 PEG L . -19.04 -19.99 -3.83
C4 PEG L . -18.26 -19.99 -5.14
O4 PEG L . -17.78 -21.31 -5.41
NA NA M . 5.29 -11.74 12.36
PG ATP N . -11.75 9.00 21.70
O1G ATP N . -12.33 8.41 20.44
O2G ATP N . -12.14 8.28 22.97
O3G ATP N . -11.84 10.50 21.78
PB ATP N . -9.27 9.51 20.49
O1B ATP N . -9.71 9.07 19.10
O2B ATP N . -9.28 10.98 20.86
O3B ATP N . -10.17 8.70 21.56
PA ATP N . -6.45 9.75 20.46
O1A ATP N . -6.32 10.83 21.52
O2A ATP N . -6.40 10.12 19.00
O3A ATP N . -7.79 8.91 20.76
O5' ATP N . -5.29 8.66 20.72
C5' ATP N . -3.97 8.94 20.28
C4' ATP N . -3.54 7.81 19.35
O4' ATP N . -4.70 7.06 18.98
C3' ATP N . -2.92 8.36 18.08
O3' ATP N . -1.53 8.02 17.96
C2' ATP N . -3.66 7.68 16.95
O2' ATP N . -2.74 6.87 16.21
C1' ATP N . -4.72 6.79 17.58
N9 ATP N . -6.05 7.14 17.03
C8 ATP N . -7.09 7.61 17.74
N7 ATP N . -8.17 7.83 16.95
C5 ATP N . -7.82 7.48 15.70
C6 ATP N . -8.49 7.46 14.38
N6 ATP N . -9.77 7.86 14.20
N1 ATP N . -7.76 7.01 13.33
C2 ATP N . -6.49 6.60 13.45
N3 ATP N . -5.83 6.61 14.62
C4 ATP N . -6.43 7.02 15.76
#